data_8E80
#
_entry.id   8E80
#
_cell.length_a   45.040
_cell.length_b   65.930
_cell.length_c   55.140
_cell.angle_alpha   90.000
_cell.angle_beta   100.180
_cell.angle_gamma   90.000
#
_symmetry.space_group_name_H-M   'P 1 21 1'
#
loop_
_entity.id
_entity.type
_entity.pdbx_description
1 polymer 'Serine/threonine-protein kinase Chk1'
2 non-polymer 2-[(1r,4r)-2-{(6P)-6-[(6M)-6-(1H-pyrazol-5-yl)-1H-indazol-1-yl]pyrimidin-4-yl}-2-azabicyclo[2.1.1]hexan-4-yl]propan-2-ol
3 water water
#
_entity_poly.entity_id   1
_entity_poly.type   'polypeptide(L)'
_entity_poly.pdbx_seq_one_letter_code
;MAVPFVEDWDLVQTLGEGAYGEVQLAVNRVTEEAVAVKIVDMKRAVDCPENIKKEICILKMLNHENVIKFYGHRREGNIQ
YLFMELASGGSLFDRIEPDIGMPEPDAQRFFHQLMAGVVYLHGIGITHRDIKPHNLLLDERDNLKIADYSLATVFRYNNR
ERLLNKMCGTLPYVAPELLKRREFHAEPVDVWSCGIVLTAMLAGELPWDQPSDSCQEYSDWKEKKTYLNPWKKIDSAPLA
LLHKILVENPSARITIPDIKKDRWYNKPLKKGAKRPRVTSGGVSESPSGHHHHHHHH
;
_entity_poly.pdbx_strand_id   A
#
loop_
_chem_comp.id
_chem_comp.type
_chem_comp.name
_chem_comp.formula
UUF non-polymer 2-[(1r,4r)-2-{(6P)-6-[(6M)-6-(1H-pyrazol-5-yl)-1H-indazol-1-yl]pyrimidin-4-yl}-2-azabicyclo[2.1.1]hexan-4-yl]propan-2-ol 'C22 H23 N7 O'
#
# COMPACT_ATOMS: atom_id res chain seq x y z
N ASP A 8 -12.06 -29.48 -4.74
CA ASP A 8 -12.97 -28.69 -3.92
C ASP A 8 -13.16 -27.26 -4.46
N TRP A 9 -12.17 -26.75 -5.20
CA TRP A 9 -12.18 -25.38 -5.71
C TRP A 9 -11.93 -25.33 -7.21
N ASP A 10 -12.56 -24.38 -7.90
CA ASP A 10 -12.35 -24.14 -9.32
C ASP A 10 -11.78 -22.73 -9.53
N LEU A 11 -10.63 -22.63 -10.22
CA LEU A 11 -9.91 -21.40 -10.54
C LEU A 11 -10.69 -20.72 -11.68
N VAL A 12 -11.22 -19.52 -11.43
CA VAL A 12 -12.06 -18.81 -12.40
C VAL A 12 -11.33 -17.68 -13.14
N GLN A 13 -10.67 -16.77 -12.40
CA GLN A 13 -10.02 -15.61 -12.99
C GLN A 13 -8.83 -15.15 -12.16
N THR A 14 -7.82 -14.55 -12.81
CA THR A 14 -6.65 -13.98 -12.14
C THR A 14 -7.11 -12.69 -11.45
N LEU A 15 -6.70 -12.47 -10.20
CA LEU A 15 -7.06 -11.28 -9.43
C LEU A 15 -5.96 -10.22 -9.42
N GLY A 16 -4.71 -10.67 -9.35
CA GLY A 16 -3.52 -9.82 -9.35
C GLY A 16 -2.24 -10.61 -9.53
N GLU A 17 -1.08 -9.91 -9.59
CA GLU A 17 0.22 -10.57 -9.74
C GLU A 17 1.22 -10.24 -8.61
N GLY A 18 2.35 -10.97 -8.62
CA GLY A 18 3.44 -10.83 -7.66
C GLY A 18 4.70 -11.58 -8.04
N ALA A 19 5.82 -11.25 -7.34
CA ALA A 19 7.18 -11.81 -7.53
C ALA A 19 7.26 -13.34 -7.43
N TYR A 20 6.36 -13.97 -6.66
CA TYR A 20 6.32 -15.43 -6.48
C TYR A 20 4.88 -15.94 -6.49
N GLY A 21 4.59 -16.88 -7.39
CA GLY A 21 3.26 -17.48 -7.56
C GLY A 21 2.25 -16.62 -8.28
N GLU A 22 0.95 -16.80 -7.94
CA GLU A 22 -0.18 -16.05 -8.52
C GLU A 22 -1.43 -16.08 -7.63
N VAL A 23 -2.26 -14.99 -7.69
CA VAL A 23 -3.51 -14.84 -6.94
C VAL A 23 -4.73 -15.03 -7.86
N GLN A 24 -5.53 -16.08 -7.57
CA GLN A 24 -6.72 -16.44 -8.36
C GLN A 24 -8.01 -16.34 -7.58
N LEU A 25 -9.12 -16.10 -8.30
CA LEU A 25 -10.47 -16.12 -7.76
C LEU A 25 -10.86 -17.61 -7.78
N ALA A 26 -11.11 -18.20 -6.61
CA ALA A 26 -11.48 -19.60 -6.51
C ALA A 26 -12.92 -19.75 -6.00
N VAL A 27 -13.72 -20.57 -6.71
CA VAL A 27 -15.13 -20.81 -6.36
C VAL A 27 -15.27 -22.25 -5.87
N ASN A 28 -15.80 -22.44 -4.65
CA ASN A 28 -16.01 -23.77 -4.05
C ASN A 28 -17.00 -24.57 -4.91
N ARG A 29 -16.64 -25.82 -5.26
CA ARG A 29 -17.45 -26.71 -6.09
C ARG A 29 -18.77 -27.15 -5.44
N VAL A 30 -18.92 -26.98 -4.11
CA VAL A 30 -20.12 -27.37 -3.36
C VAL A 30 -20.97 -26.17 -2.92
N THR A 31 -20.36 -25.19 -2.19
CA THR A 31 -21.07 -24.05 -1.61
C THR A 31 -21.13 -22.81 -2.52
N GLU A 32 -20.32 -22.79 -3.61
CA GLU A 32 -20.16 -21.67 -4.55
C GLU A 32 -19.41 -20.49 -3.91
N GLU A 33 -18.93 -20.66 -2.65
CA GLU A 33 -18.20 -19.62 -1.90
C GLU A 33 -16.99 -19.18 -2.71
N ALA A 34 -16.93 -17.88 -3.03
CA ALA A 34 -15.85 -17.30 -3.82
C ALA A 34 -14.82 -16.68 -2.88
N VAL A 35 -13.58 -17.11 -3.04
CA VAL A 35 -12.45 -16.65 -2.23
C VAL A 35 -11.28 -16.29 -3.16
N ALA A 36 -10.23 -15.69 -2.59
CA ALA A 36 -8.98 -15.36 -3.28
C ALA A 36 -7.95 -16.38 -2.78
N VAL A 37 -7.25 -17.02 -3.71
CA VAL A 37 -6.23 -18.00 -3.36
C VAL A 37 -4.90 -17.65 -4.02
N LYS A 38 -3.82 -17.66 -3.22
CA LYS A 38 -2.48 -17.43 -3.72
C LYS A 38 -1.86 -18.81 -3.87
N ILE A 39 -1.48 -19.19 -5.10
CA ILE A 39 -0.89 -20.51 -5.40
C ILE A 39 0.60 -20.37 -5.64
N VAL A 40 1.42 -20.93 -4.74
CA VAL A 40 2.88 -20.83 -4.83
C VAL A 40 3.54 -22.20 -5.12
N ASP A 41 4.40 -22.22 -6.15
CA ASP A 41 5.18 -23.38 -6.56
C ASP A 41 6.52 -23.35 -5.80
N MET A 42 6.94 -24.51 -5.26
CA MET A 42 8.18 -24.73 -4.47
C MET A 42 8.08 -24.08 -3.08
N PRO A 49 10.92 -21.66 -0.30
CA PRO A 49 10.44 -22.17 1.01
C PRO A 49 10.64 -21.16 2.15
N GLU A 50 11.77 -20.43 2.14
CA GLU A 50 12.08 -19.41 3.16
C GLU A 50 11.09 -18.25 3.10
N ASN A 51 10.85 -17.72 1.89
CA ASN A 51 9.94 -16.61 1.60
C ASN A 51 8.47 -16.90 1.96
N ILE A 52 7.94 -18.11 1.61
CA ILE A 52 6.54 -18.47 1.90
C ILE A 52 6.29 -18.67 3.39
N LYS A 53 7.26 -19.27 4.12
CA LYS A 53 7.17 -19.52 5.56
C LYS A 53 7.01 -18.19 6.33
N LYS A 54 7.80 -17.18 5.93
CA LYS A 54 7.80 -15.81 6.48
C LYS A 54 6.45 -15.14 6.16
N GLU A 55 5.99 -15.24 4.90
CA GLU A 55 4.71 -14.66 4.45
C GLU A 55 3.53 -15.25 5.24
N ILE A 56 3.49 -16.59 5.39
CA ILE A 56 2.45 -17.28 6.16
C ILE A 56 2.45 -16.78 7.60
N CYS A 57 3.64 -16.67 8.20
CA CYS A 57 3.84 -16.20 9.56
C CYS A 57 3.21 -14.80 9.74
N ILE A 58 3.47 -13.89 8.79
CA ILE A 58 2.94 -12.53 8.83
C ILE A 58 1.41 -12.53 8.65
N LEU A 59 0.93 -13.28 7.66
CA LEU A 59 -0.49 -13.41 7.38
C LEU A 59 -1.26 -13.91 8.62
N LYS A 60 -0.64 -14.82 9.42
CA LYS A 60 -1.23 -15.34 10.66
C LYS A 60 -1.36 -14.28 11.78
N MET A 61 -0.51 -13.22 11.77
CA MET A 61 -0.52 -12.14 12.78
C MET A 61 -1.70 -11.15 12.59
N LEU A 62 -2.19 -11.04 11.35
CA LEU A 62 -3.18 -10.04 10.91
C LEU A 62 -4.60 -10.19 11.45
N ASN A 63 -5.08 -9.11 12.10
CA ASN A 63 -6.42 -8.99 12.66
C ASN A 63 -6.81 -7.50 12.79
N HIS A 64 -7.29 -6.93 11.67
CA HIS A 64 -7.71 -5.53 11.61
C HIS A 64 -8.67 -5.32 10.46
N GLU A 65 -9.62 -4.40 10.65
CA GLU A 65 -10.63 -4.05 9.66
C GLU A 65 -10.06 -3.55 8.31
N ASN A 66 -8.84 -2.94 8.32
CA ASN A 66 -8.26 -2.40 7.08
C ASN A 66 -7.06 -3.22 6.54
N VAL A 67 -7.04 -4.52 6.87
CA VAL A 67 -6.07 -5.46 6.37
C VAL A 67 -6.88 -6.65 5.82
N ILE A 68 -6.44 -7.26 4.70
CA ILE A 68 -7.13 -8.42 4.10
C ILE A 68 -7.13 -9.60 5.11
N LYS A 69 -8.33 -10.20 5.31
CA LYS A 69 -8.51 -11.33 6.20
C LYS A 69 -7.90 -12.60 5.57
N PHE A 70 -7.10 -13.33 6.36
CA PHE A 70 -6.42 -14.58 6.00
C PHE A 70 -7.18 -15.75 6.62
N TYR A 71 -7.66 -16.66 5.77
CA TYR A 71 -8.42 -17.82 6.23
C TYR A 71 -7.54 -18.97 6.74
N GLY A 72 -6.45 -19.22 6.02
CA GLY A 72 -5.50 -20.27 6.35
C GLY A 72 -4.74 -20.75 5.13
N HIS A 73 -3.96 -21.82 5.31
CA HIS A 73 -3.16 -22.38 4.23
C HIS A 73 -3.22 -23.91 4.13
N ARG A 74 -3.05 -24.44 2.91
CA ARG A 74 -3.07 -25.88 2.61
C ARG A 74 -1.87 -26.21 1.72
N ARG A 75 -1.09 -27.24 2.10
CA ARG A 75 0.06 -27.68 1.31
C ARG A 75 -0.25 -29.01 0.63
N GLU A 76 0.04 -29.10 -0.67
CA GLU A 76 -0.16 -30.31 -1.47
C GLU A 76 1.09 -30.55 -2.27
N GLY A 77 1.94 -31.44 -1.75
CA GLY A 77 3.24 -31.77 -2.32
C GLY A 77 4.17 -30.59 -2.16
N ASN A 78 4.55 -29.97 -3.28
CA ASN A 78 5.41 -28.79 -3.29
C ASN A 78 4.58 -27.49 -3.39
N ILE A 79 3.28 -27.60 -3.78
CA ILE A 79 2.36 -26.49 -3.99
C ILE A 79 1.74 -25.97 -2.67
N GLN A 80 1.82 -24.65 -2.46
CA GLN A 80 1.23 -23.99 -1.30
C GLN A 80 0.04 -23.14 -1.74
N TYR A 81 -1.08 -23.24 -1.00
CA TYR A 81 -2.31 -22.49 -1.25
C TYR A 81 -2.58 -21.56 -0.06
N LEU A 82 -2.72 -20.24 -0.32
CA LEU A 82 -2.99 -19.25 0.73
C LEU A 82 -4.40 -18.68 0.48
N PHE A 83 -5.33 -18.91 1.42
CA PHE A 83 -6.74 -18.50 1.30
C PHE A 83 -7.00 -17.17 1.96
N MET A 84 -7.64 -16.25 1.22
CA MET A 84 -7.95 -14.92 1.74
C MET A 84 -9.38 -14.52 1.37
N GLU A 85 -9.97 -13.64 2.19
CA GLU A 85 -11.31 -13.10 1.95
C GLU A 85 -11.32 -12.29 0.66
N LEU A 86 -12.28 -12.60 -0.22
CA LEU A 86 -12.42 -11.90 -1.50
C LEU A 86 -12.87 -10.45 -1.27
N ALA A 87 -12.21 -9.51 -1.95
CA ALA A 87 -12.55 -8.09 -1.85
C ALA A 87 -13.53 -7.77 -2.98
N SER A 88 -14.86 -7.83 -2.68
CA SER A 88 -15.92 -7.67 -3.68
C SER A 88 -15.95 -6.30 -4.36
N GLY A 89 -15.41 -5.28 -3.70
CA GLY A 89 -15.32 -3.95 -4.27
C GLY A 89 -14.15 -3.76 -5.23
N GLY A 90 -13.30 -4.79 -5.37
CA GLY A 90 -12.15 -4.75 -6.27
C GLY A 90 -11.01 -3.90 -5.74
N SER A 91 -10.19 -3.31 -6.64
CA SER A 91 -9.04 -2.52 -6.19
C SER A 91 -9.27 -1.03 -6.18
N LEU A 92 -8.46 -0.32 -5.36
CA LEU A 92 -8.50 1.13 -5.33
C LEU A 92 -8.02 1.67 -6.71
N PHE A 93 -7.11 0.93 -7.39
CA PHE A 93 -6.61 1.32 -8.71
C PHE A 93 -7.76 1.61 -9.68
N ASP A 94 -8.79 0.73 -9.66
CA ASP A 94 -9.93 0.86 -10.56
C ASP A 94 -10.92 1.97 -10.18
N ARG A 95 -10.69 2.69 -9.07
CA ARG A 95 -11.51 3.82 -8.62
C ARG A 95 -10.85 5.13 -9.00
N ILE A 96 -9.62 5.05 -9.52
CA ILE A 96 -8.87 6.24 -9.93
C ILE A 96 -9.10 6.47 -11.41
N GLU A 97 -9.72 7.61 -11.77
CA GLU A 97 -9.95 7.95 -13.17
C GLU A 97 -8.66 8.55 -13.73
N PRO A 98 -8.04 7.94 -14.79
CA PRO A 98 -6.77 8.51 -15.30
C PRO A 98 -6.88 10.00 -15.63
N ASP A 99 -5.89 10.76 -15.15
CA ASP A 99 -5.71 12.21 -15.30
C ASP A 99 -6.74 13.05 -14.49
N ILE A 100 -7.68 12.41 -13.78
CA ILE A 100 -8.68 13.10 -12.95
C ILE A 100 -8.51 12.75 -11.45
N GLY A 101 -8.47 11.45 -11.15
CA GLY A 101 -8.41 10.95 -9.78
C GLY A 101 -9.79 10.54 -9.32
N MET A 102 -10.28 11.17 -8.23
CA MET A 102 -11.59 10.89 -7.67
C MET A 102 -12.04 12.05 -6.81
N PRO A 103 -13.34 12.10 -6.41
CA PRO A 103 -13.79 13.21 -5.57
C PRO A 103 -13.01 13.23 -4.26
N GLU A 104 -12.53 14.41 -3.88
CA GLU A 104 -11.77 14.66 -2.66
C GLU A 104 -12.36 14.01 -1.39
N PRO A 105 -13.70 14.05 -1.12
CA PRO A 105 -14.23 13.34 0.07
C PRO A 105 -13.95 11.83 0.02
N ASP A 106 -14.05 11.19 -1.20
CA ASP A 106 -13.78 9.75 -1.30
C ASP A 106 -12.29 9.48 -1.01
N ALA A 107 -11.41 10.32 -1.60
CA ALA A 107 -9.95 10.22 -1.38
C ALA A 107 -9.60 10.39 0.11
N GLN A 108 -10.26 11.34 0.80
CA GLN A 108 -9.97 11.58 2.21
C GLN A 108 -10.34 10.35 3.04
N ARG A 109 -11.52 9.76 2.76
CA ARG A 109 -12.03 8.60 3.48
C ARG A 109 -11.08 7.40 3.30
N PHE A 110 -10.69 7.14 2.04
CA PHE A 110 -9.74 6.07 1.73
C PHE A 110 -8.40 6.35 2.42
N PHE A 111 -7.97 7.62 2.45
CA PHE A 111 -6.71 7.96 3.12
C PHE A 111 -6.77 7.73 4.65
N HIS A 112 -7.91 8.10 5.28
CA HIS A 112 -8.13 7.82 6.71
C HIS A 112 -8.01 6.30 6.98
N GLN A 113 -8.62 5.48 6.10
CA GLN A 113 -8.61 4.02 6.25
C GLN A 113 -7.22 3.44 5.98
N LEU A 114 -6.52 4.02 5.00
CA LEU A 114 -5.13 3.62 4.72
C LEU A 114 -4.25 3.88 5.96
N MET A 115 -4.37 5.08 6.56
CA MET A 115 -3.64 5.43 7.80
C MET A 115 -3.99 4.43 8.92
N ALA A 116 -5.30 4.09 9.07
CA ALA A 116 -5.74 3.10 10.09
C ALA A 116 -5.02 1.75 9.92
N GLY A 117 -4.98 1.24 8.68
CA GLY A 117 -4.32 -0.03 8.40
C GLY A 117 -2.81 0.03 8.60
N VAL A 118 -2.16 1.14 8.16
CA VAL A 118 -0.70 1.27 8.31
C VAL A 118 -0.30 1.42 9.82
N VAL A 119 -1.08 2.18 10.60
CA VAL A 119 -0.84 2.32 12.05
C VAL A 119 -0.91 0.91 12.66
N TYR A 120 -1.93 0.14 12.28
CA TYR A 120 -2.07 -1.23 12.79
C TYR A 120 -0.82 -2.07 12.50
N LEU A 121 -0.37 -2.10 11.22
CA LEU A 121 0.82 -2.89 10.83
C LEU A 121 2.04 -2.42 11.56
N HIS A 122 2.28 -1.10 11.58
CA HIS A 122 3.45 -0.55 12.28
C HIS A 122 3.41 -0.87 13.79
N GLY A 123 2.21 -0.92 14.36
CA GLY A 123 1.99 -1.19 15.78
C GLY A 123 2.37 -2.62 16.15
N ILE A 124 2.21 -3.56 15.18
CA ILE A 124 2.62 -4.97 15.40
C ILE A 124 4.05 -5.23 14.86
N GLY A 125 4.76 -4.14 14.50
CA GLY A 125 6.14 -4.18 14.05
C GLY A 125 6.34 -4.73 12.65
N ILE A 126 5.31 -4.64 11.80
CA ILE A 126 5.35 -5.09 10.42
C ILE A 126 5.35 -3.88 9.47
N THR A 127 6.24 -3.94 8.46
CA THR A 127 6.27 -2.96 7.35
C THR A 127 5.80 -3.66 6.09
N HIS A 128 4.86 -3.01 5.36
CA HIS A 128 4.30 -3.60 4.15
C HIS A 128 5.32 -3.58 2.98
N ARG A 129 5.99 -2.43 2.77
CA ARG A 129 7.05 -2.21 1.75
C ARG A 129 6.56 -2.12 0.29
N ASP A 130 5.24 -2.25 0.02
CA ASP A 130 4.78 -2.12 -1.37
C ASP A 130 3.37 -1.55 -1.45
N ILE A 131 3.14 -0.45 -0.71
CA ILE A 131 1.84 0.19 -0.71
C ILE A 131 1.65 0.90 -2.03
N LYS A 132 0.56 0.56 -2.71
CA LYS A 132 0.20 1.16 -3.99
C LYS A 132 -1.26 0.74 -4.29
N PRO A 133 -1.96 1.49 -5.19
CA PRO A 133 -3.39 1.23 -5.44
C PRO A 133 -3.75 -0.19 -5.82
N HIS A 134 -2.85 -0.92 -6.53
CA HIS A 134 -3.14 -2.33 -6.88
C HIS A 134 -3.20 -3.24 -5.62
N ASN A 135 -2.50 -2.86 -4.53
CA ASN A 135 -2.46 -3.61 -3.27
C ASN A 135 -3.44 -3.10 -2.21
N LEU A 136 -4.34 -2.19 -2.60
CA LEU A 136 -5.34 -1.62 -1.69
C LEU A 136 -6.68 -2.01 -2.27
N LEU A 137 -7.36 -2.93 -1.60
CA LEU A 137 -8.61 -3.49 -2.08
C LEU A 137 -9.82 -2.98 -1.31
N LEU A 138 -11.01 -3.25 -1.84
CA LEU A 138 -12.23 -2.72 -1.25
C LEU A 138 -13.26 -3.81 -0.95
N ASP A 139 -13.86 -3.76 0.24
CA ASP A 139 -14.91 -4.72 0.61
C ASP A 139 -16.27 -4.27 0.01
N GLU A 140 -17.37 -4.97 0.38
CA GLU A 140 -18.74 -4.68 -0.09
C GLU A 140 -19.23 -3.26 0.25
N ARG A 141 -18.70 -2.69 1.35
CA ARG A 141 -19.04 -1.35 1.84
C ARG A 141 -17.93 -0.32 1.54
N ASP A 142 -17.05 -0.63 0.55
CA ASP A 142 -15.93 0.24 0.13
C ASP A 142 -14.94 0.58 1.27
N ASN A 143 -14.74 -0.36 2.21
CA ASN A 143 -13.71 -0.23 3.25
C ASN A 143 -12.41 -0.71 2.64
N LEU A 144 -11.37 0.11 2.75
CA LEU A 144 -10.07 -0.20 2.20
C LEU A 144 -9.41 -1.32 3.01
N LYS A 145 -8.71 -2.20 2.30
CA LYS A 145 -8.00 -3.32 2.88
C LYS A 145 -6.63 -3.46 2.25
N ILE A 146 -5.59 -3.40 3.09
CA ILE A 146 -4.19 -3.50 2.64
C ILE A 146 -3.95 -5.00 2.36
N ALA A 147 -3.56 -5.30 1.12
CA ALA A 147 -3.33 -6.65 0.61
C ALA A 147 -1.87 -6.90 0.22
N ASP A 148 -1.52 -8.20 0.08
CA ASP A 148 -0.25 -8.73 -0.40
C ASP A 148 0.90 -8.50 0.59
N TYR A 149 1.30 -9.57 1.28
CA TYR A 149 2.34 -9.51 2.31
C TYR A 149 3.62 -10.26 1.89
N SER A 150 3.79 -10.47 0.57
CA SER A 150 4.97 -11.17 0.05
C SER A 150 6.26 -10.39 0.29
N LEU A 151 6.17 -9.04 0.33
CA LEU A 151 7.35 -8.20 0.58
C LEU A 151 7.42 -7.74 2.03
N ALA A 152 6.35 -7.96 2.83
CA ALA A 152 6.28 -7.51 4.22
C ALA A 152 7.36 -8.14 5.08
N THR A 153 7.86 -7.37 6.07
CA THR A 153 8.89 -7.86 7.00
C THR A 153 8.78 -7.24 8.38
N VAL A 154 9.49 -7.85 9.35
CA VAL A 154 9.56 -7.36 10.73
C VAL A 154 10.57 -6.24 10.80
N PHE A 155 10.14 -5.07 11.32
CA PHE A 155 11.09 -3.99 11.55
C PHE A 155 11.22 -3.72 13.04
N ARG A 156 10.39 -4.34 13.87
CA ARG A 156 10.48 -4.14 15.32
C ARG A 156 10.14 -5.45 16.00
N TYR A 157 11.02 -5.86 16.95
CA TYR A 157 10.80 -7.13 17.67
C TYR A 157 11.36 -6.94 19.07
N ASN A 158 10.60 -7.37 20.10
CA ASN A 158 11.01 -7.14 21.51
C ASN A 158 11.29 -5.64 21.78
N ASN A 159 10.47 -4.75 21.14
CA ASN A 159 10.59 -3.29 21.31
C ASN A 159 11.91 -2.71 20.77
N ARG A 160 12.58 -3.47 19.90
CA ARG A 160 13.85 -3.06 19.33
C ARG A 160 13.70 -2.95 17.82
N GLU A 161 14.00 -1.76 17.27
CA GLU A 161 13.90 -1.54 15.84
C GLU A 161 15.08 -2.13 15.10
N ARG A 162 14.80 -2.71 13.92
CA ARG A 162 15.75 -3.28 12.96
C ARG A 162 15.66 -2.41 11.69
N LEU A 163 16.81 -1.94 11.19
CA LEU A 163 16.84 -1.14 9.96
C LEU A 163 16.69 -2.09 8.77
N LEU A 164 16.09 -1.57 7.68
CA LEU A 164 15.93 -2.34 6.44
C LEU A 164 17.20 -2.12 5.63
N ASN A 165 17.66 -3.13 4.90
CA ASN A 165 18.87 -3.00 4.11
C ASN A 165 18.74 -3.62 2.71
N LYS A 166 17.48 -3.90 2.29
CA LYS A 166 17.14 -4.52 1.01
C LYS A 166 16.25 -3.56 0.20
N MET A 167 16.51 -3.47 -1.09
CA MET A 167 15.72 -2.64 -2.00
C MET A 167 14.55 -3.50 -2.51
N CYS A 168 13.32 -2.98 -2.40
CA CYS A 168 12.13 -3.63 -2.94
C CYS A 168 11.00 -2.61 -3.00
N GLY A 169 9.92 -3.00 -3.64
CA GLY A 169 8.78 -2.12 -3.82
C GLY A 169 8.55 -1.85 -5.28
N THR A 170 8.02 -0.67 -5.58
CA THR A 170 7.65 -0.27 -6.95
C THR A 170 8.19 1.14 -7.12
N LEU A 171 9.04 1.35 -8.13
CA LEU A 171 9.80 2.59 -8.33
C LEU A 171 8.99 3.92 -8.15
N PRO A 172 7.81 4.14 -8.79
CA PRO A 172 7.09 5.42 -8.61
C PRO A 172 6.63 5.67 -7.15
N TYR A 173 6.54 4.58 -6.35
CA TYR A 173 6.07 4.59 -4.95
C TYR A 173 7.19 4.55 -3.88
N VAL A 174 8.43 4.20 -4.28
CA VAL A 174 9.53 4.10 -3.29
C VAL A 174 10.03 5.45 -2.82
N ALA A 175 10.44 5.50 -1.55
CA ALA A 175 11.04 6.68 -0.94
C ALA A 175 12.48 6.85 -1.48
N PRO A 176 13.00 8.10 -1.60
CA PRO A 176 14.34 8.29 -2.18
C PRO A 176 15.49 7.67 -1.39
N GLU A 177 15.37 7.60 -0.05
CA GLU A 177 16.40 6.99 0.81
C GLU A 177 16.63 5.50 0.51
N LEU A 178 15.58 4.82 -0.01
CA LEU A 178 15.67 3.42 -0.36
C LEU A 178 16.67 3.23 -1.53
N LEU A 179 16.75 4.23 -2.43
CA LEU A 179 17.68 4.19 -3.56
C LEU A 179 19.09 4.63 -3.18
N LYS A 180 19.22 5.46 -2.12
CA LYS A 180 20.49 6.09 -1.75
C LYS A 180 21.24 5.49 -0.57
N ARG A 181 20.52 5.06 0.47
CA ARG A 181 21.11 4.60 1.72
C ARG A 181 21.27 3.09 1.78
N ARG A 182 22.37 2.63 2.42
CA ARG A 182 22.65 1.21 2.62
C ARG A 182 21.60 0.61 3.57
N GLU A 183 21.23 1.37 4.63
CA GLU A 183 20.22 0.98 5.63
C GLU A 183 19.30 2.15 5.89
N PHE A 184 18.03 1.85 6.18
CA PHE A 184 17.06 2.93 6.39
C PHE A 184 15.89 2.44 7.23
N HIS A 185 15.24 3.40 7.91
CA HIS A 185 14.09 3.14 8.76
C HIS A 185 12.85 2.76 7.90
N ALA A 186 12.12 1.74 8.36
CA ALA A 186 10.97 1.23 7.65
C ALA A 186 9.75 2.16 7.57
N GLU A 187 9.37 2.76 8.72
CA GLU A 187 8.12 3.53 8.78
C GLU A 187 8.08 4.70 7.81
N PRO A 188 9.15 5.54 7.69
CA PRO A 188 9.06 6.68 6.73
C PRO A 188 8.88 6.22 5.29
N VAL A 189 9.36 4.98 4.94
CA VAL A 189 9.22 4.46 3.59
C VAL A 189 7.72 4.20 3.28
N ASP A 190 7.03 3.54 4.22
CA ASP A 190 5.58 3.31 4.06
C ASP A 190 4.82 4.63 4.06
N VAL A 191 5.24 5.62 4.88
CA VAL A 191 4.58 6.95 4.89
C VAL A 191 4.66 7.57 3.48
N TRP A 192 5.87 7.54 2.89
CA TRP A 192 6.12 8.08 1.54
C TRP A 192 5.18 7.47 0.50
N SER A 193 5.12 6.11 0.41
CA SER A 193 4.25 5.45 -0.56
C SER A 193 2.78 5.86 -0.35
N CYS A 194 2.36 6.05 0.92
CA CYS A 194 0.98 6.55 1.18
C CYS A 194 0.77 7.94 0.55
N GLY A 195 1.81 8.78 0.56
CA GLY A 195 1.78 10.10 -0.08
C GLY A 195 1.63 10.00 -1.60
N ILE A 196 2.34 9.03 -2.23
CA ILE A 196 2.19 8.82 -3.69
C ILE A 196 0.76 8.30 -3.97
N VAL A 197 0.22 7.38 -3.10
CA VAL A 197 -1.17 6.93 -3.26
C VAL A 197 -2.15 8.13 -3.20
N LEU A 198 -1.95 9.03 -2.22
CA LEU A 198 -2.83 10.21 -2.08
C LEU A 198 -2.76 11.09 -3.35
N THR A 199 -1.51 11.29 -3.88
CA THR A 199 -1.33 12.07 -5.11
C THR A 199 -2.14 11.43 -6.28
N ALA A 200 -2.04 10.07 -6.41
CA ALA A 200 -2.74 9.31 -7.46
C ALA A 200 -4.26 9.49 -7.32
N MET A 201 -4.75 9.42 -6.07
CA MET A 201 -6.18 9.56 -5.81
C MET A 201 -6.72 10.92 -6.18
N LEU A 202 -5.93 11.98 -5.94
CA LEU A 202 -6.37 13.37 -6.19
C LEU A 202 -6.04 13.93 -7.58
N ALA A 203 -5.16 13.24 -8.34
CA ALA A 203 -4.76 13.77 -9.65
C ALA A 203 -4.88 12.76 -10.79
N GLY A 204 -5.02 11.47 -10.47
CA GLY A 204 -5.17 10.42 -11.48
C GLY A 204 -3.92 10.21 -12.31
N GLU A 205 -2.77 10.56 -11.72
CA GLU A 205 -1.46 10.42 -12.36
C GLU A 205 -0.35 10.36 -11.31
N LEU A 206 0.72 9.64 -11.62
CA LEU A 206 1.88 9.54 -10.74
C LEU A 206 2.85 10.68 -11.00
N PRO A 207 3.46 11.27 -9.96
CA PRO A 207 4.31 12.44 -10.19
C PRO A 207 5.64 12.18 -10.89
N TRP A 208 6.22 11.00 -10.71
CA TRP A 208 7.54 10.69 -11.30
C TRP A 208 7.77 9.20 -11.48
N ASP A 209 8.70 8.84 -12.40
CA ASP A 209 9.04 7.42 -12.58
C ASP A 209 9.77 6.89 -11.34
N GLN A 210 10.58 7.75 -10.70
CA GLN A 210 11.35 7.41 -9.52
C GLN A 210 11.86 8.67 -8.82
N PRO A 211 12.03 8.63 -7.47
CA PRO A 211 12.50 9.83 -6.74
C PRO A 211 14.04 9.99 -6.79
N SER A 212 14.58 10.22 -8.00
CA SER A 212 16.02 10.39 -8.19
C SER A 212 16.34 11.69 -8.90
N ASP A 213 17.58 12.20 -8.74
CA ASP A 213 18.04 13.44 -9.36
C ASP A 213 18.01 13.39 -10.88
N SER A 214 18.17 12.19 -11.47
CA SER A 214 18.08 11.97 -12.92
C SER A 214 16.63 12.08 -13.45
N CYS A 215 15.64 12.19 -12.53
CA CYS A 215 14.23 12.32 -12.90
C CYS A 215 13.77 13.78 -12.78
N GLN A 216 13.56 14.44 -13.94
CA GLN A 216 13.16 15.84 -14.02
C GLN A 216 11.95 16.19 -13.18
N GLU A 217 10.92 15.31 -13.20
CA GLU A 217 9.67 15.53 -12.45
C GLU A 217 9.92 15.59 -10.94
N TYR A 218 10.90 14.78 -10.45
CA TYR A 218 11.26 14.80 -9.04
C TYR A 218 12.02 16.08 -8.73
N SER A 219 12.98 16.47 -9.63
CA SER A 219 13.75 17.72 -9.46
C SER A 219 12.81 18.92 -9.37
N ASP A 220 11.79 18.95 -10.26
CA ASP A 220 10.77 20.00 -10.32
C ASP A 220 9.99 20.10 -9.00
N TRP A 221 9.66 18.93 -8.36
CA TRP A 221 8.96 18.95 -7.08
C TRP A 221 9.88 19.55 -6.00
N LYS A 222 11.15 19.12 -5.96
CA LYS A 222 12.13 19.62 -4.99
C LYS A 222 12.32 21.15 -5.13
N GLU A 223 12.15 21.67 -6.36
CA GLU A 223 12.25 23.11 -6.70
C GLU A 223 10.92 23.87 -6.51
N LYS A 224 9.92 23.20 -5.90
CA LYS A 224 8.60 23.73 -5.56
C LYS A 224 7.78 24.23 -6.78
N LYS A 225 7.96 23.61 -7.95
CA LYS A 225 7.23 23.97 -9.18
C LYS A 225 5.81 23.33 -9.15
N THR A 226 5.01 23.74 -8.14
CA THR A 226 3.66 23.18 -7.94
C THR A 226 2.63 23.75 -8.94
N TYR A 227 3.09 24.64 -9.86
CA TYR A 227 2.24 25.17 -10.93
C TYR A 227 2.16 24.12 -12.05
N LEU A 228 2.98 23.04 -11.96
CA LEU A 228 2.99 21.94 -12.94
C LEU A 228 2.08 20.80 -12.47
N ASN A 229 1.71 19.89 -13.41
CA ASN A 229 0.94 18.68 -13.11
C ASN A 229 1.89 17.68 -12.41
N PRO A 230 1.40 16.82 -11.49
CA PRO A 230 0.00 16.66 -11.05
C PRO A 230 -0.48 17.66 -10.00
N TRP A 231 0.47 18.42 -9.41
CA TRP A 231 0.25 19.33 -8.29
C TRP A 231 -0.80 20.41 -8.55
N LYS A 232 -0.83 20.97 -9.77
CA LYS A 232 -1.80 22.04 -10.08
C LYS A 232 -3.26 21.54 -10.07
N LYS A 233 -3.49 20.21 -10.11
CA LYS A 233 -4.82 19.61 -10.03
C LYS A 233 -5.28 19.47 -8.57
N ILE A 234 -4.33 19.63 -7.62
CA ILE A 234 -4.61 19.40 -6.21
C ILE A 234 -4.84 20.69 -5.42
N ASP A 235 -5.92 20.69 -4.62
CA ASP A 235 -6.29 21.82 -3.77
C ASP A 235 -5.17 22.11 -2.76
N SER A 236 -5.05 23.38 -2.36
CA SER A 236 -4.01 23.85 -1.44
C SER A 236 -3.93 23.06 -0.13
N ALA A 237 -5.10 22.68 0.46
CA ALA A 237 -5.11 21.94 1.73
C ALA A 237 -4.46 20.52 1.57
N PRO A 238 -4.95 19.60 0.69
CA PRO A 238 -4.23 18.30 0.55
C PRO A 238 -2.80 18.47 0.02
N LEU A 239 -2.55 19.51 -0.83
CA LEU A 239 -1.20 19.76 -1.31
C LEU A 239 -0.23 20.10 -0.16
N ALA A 240 -0.72 20.87 0.86
CA ALA A 240 0.08 21.20 2.04
C ALA A 240 0.46 19.90 2.79
N LEU A 241 -0.48 18.90 2.85
CA LEU A 241 -0.18 17.60 3.48
C LEU A 241 0.92 16.87 2.65
N LEU A 242 0.77 16.86 1.33
CA LEU A 242 1.75 16.23 0.44
C LEU A 242 3.12 16.87 0.56
N HIS A 243 3.17 18.21 0.84
CA HIS A 243 4.45 18.90 1.07
C HIS A 243 5.14 18.36 2.32
N LYS A 244 4.36 17.85 3.29
CA LYS A 244 4.93 17.30 4.55
C LYS A 244 5.33 15.83 4.41
N ILE A 245 4.62 15.07 3.55
CA ILE A 245 4.90 13.63 3.33
C ILE A 245 6.08 13.42 2.37
N LEU A 246 6.02 14.09 1.22
CA LEU A 246 7.03 13.91 0.16
C LEU A 246 8.29 14.78 0.40
N VAL A 247 8.84 14.61 1.60
CA VAL A 247 10.03 15.30 2.10
C VAL A 247 11.20 14.31 1.89
N GLU A 248 12.25 14.74 1.16
CA GLU A 248 13.39 13.88 0.80
C GLU A 248 14.08 13.23 2.01
N ASN A 249 14.42 14.03 3.03
CA ASN A 249 15.10 13.57 4.25
C ASN A 249 14.11 12.82 5.11
N PRO A 250 14.24 11.47 5.28
CA PRO A 250 13.26 10.73 6.09
C PRO A 250 13.21 11.18 7.55
N SER A 251 14.31 11.74 8.11
CA SER A 251 14.28 12.19 9.51
C SER A 251 13.43 13.46 9.67
N ALA A 252 13.24 14.22 8.57
CA ALA A 252 12.45 15.45 8.56
C ALA A 252 10.98 15.20 8.10
N ARG A 253 10.72 14.03 7.48
CA ARG A 253 9.40 13.63 6.96
C ARG A 253 8.37 13.51 8.07
N ILE A 254 7.11 13.92 7.77
CA ILE A 254 6.03 13.83 8.74
C ILE A 254 5.79 12.37 9.15
N THR A 255 5.47 12.16 10.44
CA THR A 255 5.15 10.83 10.96
C THR A 255 3.63 10.68 10.94
N ILE A 256 3.13 9.43 11.10
CA ILE A 256 1.67 9.24 11.12
C ILE A 256 0.98 10.03 12.28
N PRO A 257 1.49 10.02 13.55
CA PRO A 257 0.81 10.84 14.59
C PRO A 257 0.62 12.29 14.16
N ASP A 258 1.60 12.88 13.42
CA ASP A 258 1.46 14.26 12.95
C ASP A 258 0.58 14.39 11.69
N ILE A 259 0.54 13.35 10.81
CA ILE A 259 -0.42 13.34 9.69
C ILE A 259 -1.86 13.46 10.26
N LYS A 260 -2.12 12.73 11.38
CA LYS A 260 -3.44 12.74 12.03
C LYS A 260 -3.81 14.14 12.57
N LYS A 261 -2.83 15.06 12.65
CA LYS A 261 -3.06 16.44 13.12
C LYS A 261 -3.19 17.46 11.98
N ASP A 262 -2.98 17.01 10.73
CA ASP A 262 -2.99 17.85 9.54
C ASP A 262 -4.37 18.47 9.28
N ARG A 263 -4.38 19.75 8.82
CA ARG A 263 -5.63 20.48 8.51
C ARG A 263 -6.51 19.72 7.51
N TRP A 264 -5.92 19.29 6.36
CA TRP A 264 -6.73 18.57 5.37
C TRP A 264 -7.22 17.22 5.93
N TYR A 265 -6.36 16.49 6.68
CA TYR A 265 -6.73 15.21 7.26
C TYR A 265 -7.99 15.37 8.15
N ASN A 266 -8.11 16.52 8.83
CA ASN A 266 -9.20 16.84 9.76
C ASN A 266 -10.31 17.73 9.14
N LYS A 267 -10.27 17.95 7.83
CA LYS A 267 -11.28 18.80 7.19
C LYS A 267 -12.61 18.08 6.96
N PRO A 268 -13.74 18.62 7.45
CA PRO A 268 -15.03 17.97 7.19
C PRO A 268 -15.37 18.09 5.70
N LEU A 269 -15.62 16.94 5.05
CA LEU A 269 -15.95 16.88 3.62
C LEU A 269 -17.20 16.03 3.42
N LYS A 270 -18.01 16.35 2.40
CA LYS A 270 -19.25 15.62 2.09
C LYS A 270 -19.38 15.31 0.59
N LYS A 271 -19.76 14.05 0.28
CA LYS A 271 -19.99 13.53 -1.09
C LYS A 271 -18.76 13.56 -1.99
N1 UUF B . -2.51 -10.13 -3.92
N3 UUF B . -8.21 -8.51 -6.12
C4 UUF B . -6.16 -9.75 -4.40
C5 UUF B . -7.39 -10.03 -3.81
C6 UUF B . -9.15 -9.06 -5.35
C7 UUF B . -8.69 -7.87 -7.19
C8 UUF B . -10.87 -8.31 -6.79
C10 UUF B . -13.41 -9.97 -7.97
C13 UUF B . -14.20 -9.66 -11.13
C15 UUF B . -14.34 -8.17 -7.38
C17 UUF B . -10.52 -8.97 -5.61
C20 UUF B . -6.29 -10.90 -1.84
C21 UUF B . -5.06 -10.60 -2.42
O UUF B . -16.01 -9.46 -9.58
C12 UUF B . -14.81 -8.81 -10.02
C14 UUF B . -15.19 -7.43 -10.57
C11 UUF B . -13.87 -8.71 -8.76
C9 UUF B . -13.29 -9.09 -6.72
C16 UUF B . -12.52 -7.96 -8.64
N5 UUF B . -12.14 -8.40 -7.30
N4 UUF B . -9.96 -7.72 -7.58
N2 UUF B . -8.68 -9.76 -4.20
N6 UUF B . -9.57 -10.14 -3.23
C18 UUF B . -8.87 -10.63 -2.24
C19 UUF B . -7.47 -10.60 -2.53
C UUF B . -4.99 -10.00 -3.69
C1 UUF B . -3.70 -9.57 -4.25
N UUF B . -1.48 -9.55 -4.59
C3 UUF B . -2.04 -8.61 -5.35
C2 UUF B . -3.43 -8.58 -5.19
#